data_5D12
#
_entry.id   5D12
#
_cell.length_a   42.270
_cell.length_b   63.790
_cell.length_c   74.970
_cell.angle_alpha   101.56
_cell.angle_beta   89.91
_cell.angle_gamma   89.98
#
_symmetry.space_group_name_H-M   'P 1'
#
loop_
_entity.id
_entity.type
_entity.pdbx_description
1 polymer 'Proto-oncogene tyrosine-protein kinase Src'
2 non-polymer N-[2-phenyl-4-(1H-pyrazol-3-ylamino)quinazolin-7-yl]prop-2-enamide
#
_entity_poly.entity_id   1
_entity_poly.type   'polypeptide(L)'
_entity_poly.pdbx_seq_one_letter_code
;GHMQTQGLAKDAWEIPRESLRLEVKLGQGCFGEVWMGTWNGTTRVAIKTLKPGTMSPEAFLQEAQVMKKLRHEKLVQLYA
VVSEEPIYIVMEYMSKGCLLDFLKGEMGKYLRLPQLVDMAAQIASGMAYVERMNYVHRDLRAANILVGENLVCKVADFGL
ARLIEDNEYTARQGAKFPIKWTAPEAALYGRFTIKSDVWSFGILLTELTTKGRVPYPGMVNREVLDQVERGYRMPCPPEC
PESLHDLMCQCWRKDPEERPTFEYLQAFLEDYFTSTEPQYQPGENL
;
_entity_poly.pdbx_strand_id   A,B
#
loop_
_chem_comp.id
_chem_comp.type
_chem_comp.name
_chem_comp.formula
G97 non-polymer N-[2-phenyl-4-(1H-pyrazol-3-ylamino)quinazolin-7-yl]prop-2-enamide 'C20 H16 N6 O'
#
# COMPACT_ATOMS: atom_id res chain seq x y z
N LYS A 10 -7.29 22.27 -37.74
CA LYS A 10 -8.15 21.31 -36.98
C LYS A 10 -7.61 19.90 -37.08
N ASP A 11 -7.77 19.13 -36.00
CA ASP A 11 -7.12 17.81 -35.91
C ASP A 11 -8.05 16.58 -35.89
N ALA A 12 -7.39 15.45 -35.64
CA ALA A 12 -8.02 14.14 -35.60
C ALA A 12 -9.06 14.05 -34.51
N TRP A 13 -8.85 14.79 -33.43
CA TRP A 13 -9.79 14.78 -32.32
C TRP A 13 -11.15 15.45 -32.68
N GLU A 14 -11.13 16.40 -33.64
CA GLU A 14 -12.33 17.13 -34.15
C GLU A 14 -13.32 16.28 -34.95
N ILE A 15 -14.62 16.52 -34.75
CA ILE A 15 -15.66 15.81 -35.51
C ILE A 15 -16.83 16.69 -35.96
N PRO A 16 -17.49 16.27 -37.06
CA PRO A 16 -18.68 16.95 -37.50
C PRO A 16 -19.66 17.05 -36.38
N ARG A 17 -20.28 18.22 -36.28
CA ARG A 17 -21.30 18.48 -35.28
C ARG A 17 -22.39 17.41 -35.32
N GLU A 18 -22.47 16.79 -36.49
CA GLU A 18 -23.42 15.73 -36.79
C GLU A 18 -22.96 14.37 -36.30
N SER A 19 -23.94 13.45 -36.26
CA SER A 19 -23.74 12.06 -35.80
C SER A 19 -23.87 12.03 -34.26
N LEU A 20 -24.04 13.21 -33.69
CA LEU A 20 -24.22 13.39 -32.28
C LEU A 20 -25.40 14.34 -32.06
N ARG A 21 -26.36 13.83 -31.30
CA ARG A 21 -27.50 14.62 -30.85
C ARG A 21 -27.43 14.44 -29.35
N LEU A 22 -28.16 15.25 -28.59
CA LEU A 22 -28.11 15.12 -27.13
C LEU A 22 -29.38 14.43 -26.67
N GLU A 23 -29.26 13.17 -26.28
CA GLU A 23 -30.40 12.43 -25.74
C GLU A 23 -30.97 13.10 -24.47
N VAL A 24 -30.09 13.36 -23.49
CA VAL A 24 -30.46 13.77 -22.11
C VAL A 24 -29.63 14.95 -21.60
N LYS A 25 -30.08 15.63 -20.53
CA LYS A 25 -29.30 16.70 -19.88
C LYS A 25 -29.04 16.33 -18.41
N LEU A 26 -27.78 16.13 -18.01
CA LEU A 26 -27.53 15.70 -16.62
C LEU A 26 -26.73 16.61 -15.63
N GLY A 27 -26.57 17.92 -15.88
CA GLY A 27 -25.81 18.74 -14.92
C GLY A 27 -25.94 20.25 -14.88
N GLN A 28 -25.00 20.93 -15.54
CA GLN A 28 -25.03 22.39 -15.73
C GLN A 28 -25.07 23.18 -14.43
N GLY A 29 -24.37 22.72 -13.38
CA GLY A 29 -24.31 23.50 -12.13
C GLY A 29 -23.57 24.82 -12.34
N CYS A 30 -22.46 24.70 -13.07
CA CYS A 30 -21.61 25.82 -13.43
C CYS A 30 -21.44 25.82 -14.95
N PHE A 31 -21.70 27.00 -15.54
CA PHE A 31 -21.30 27.35 -16.92
C PHE A 31 -21.33 26.26 -18.02
N GLY A 32 -22.50 25.89 -18.53
CA GLY A 32 -22.51 24.95 -19.65
C GLY A 32 -23.55 23.89 -19.46
N GLU A 33 -23.23 22.66 -19.88
CA GLU A 33 -24.22 21.60 -19.81
C GLU A 33 -23.53 20.24 -19.98
N VAL A 34 -24.13 19.19 -19.41
CA VAL A 34 -23.60 17.84 -19.55
C VAL A 34 -24.77 16.91 -19.78
N TRP A 35 -24.79 16.31 -20.97
CA TRP A 35 -25.87 15.41 -21.42
C TRP A 35 -25.30 14.05 -21.70
N MET A 36 -26.17 13.07 -21.84
CA MET A 36 -25.73 11.75 -22.22
C MET A 36 -26.47 11.31 -23.45
N GLY A 37 -25.80 11.40 -24.60
CA GLY A 37 -26.41 10.99 -25.85
C GLY A 37 -25.99 9.63 -26.32
N THR A 38 -25.90 9.51 -27.63
CA THR A 38 -25.42 8.32 -28.28
C THR A 38 -24.52 8.85 -29.38
N TRP A 39 -23.46 8.13 -29.72
CA TRP A 39 -22.50 8.66 -30.67
C TRP A 39 -22.09 7.76 -31.81
N ASN A 40 -21.85 8.45 -32.90
CA ASN A 40 -21.07 7.93 -34.00
C ASN A 40 -21.59 6.62 -34.51
N GLY A 41 -22.89 6.42 -34.37
CA GLY A 41 -23.47 5.14 -34.70
C GLY A 41 -24.24 4.69 -33.49
N THR A 42 -23.77 3.65 -32.83
CA THR A 42 -24.46 3.14 -31.64
C THR A 42 -23.49 3.06 -30.46
N THR A 43 -23.06 4.26 -30.06
CA THR A 43 -22.01 4.49 -29.07
C THR A 43 -22.53 5.53 -28.07
N ARG A 44 -22.57 5.23 -26.78
CA ARG A 44 -23.06 6.20 -25.78
C ARG A 44 -21.93 7.03 -25.18
N VAL A 45 -22.18 8.32 -25.11
CA VAL A 45 -21.15 9.29 -24.84
C VAL A 45 -21.59 10.30 -23.78
N ALA A 46 -20.69 11.21 -23.48
CA ALA A 46 -20.97 12.29 -22.59
C ALA A 46 -20.47 13.52 -23.28
N ILE A 47 -21.31 14.55 -23.29
CA ILE A 47 -20.98 15.78 -24.00
C ILE A 47 -21.05 16.95 -23.05
N LYS A 48 -20.08 17.84 -23.14
CA LYS A 48 -20.01 19.00 -22.27
C LYS A 48 -20.16 20.18 -23.18
N THR A 49 -20.83 21.21 -22.72
CA THR A 49 -21.11 22.36 -23.57
C THR A 49 -20.93 23.62 -22.74
N LEU A 50 -21.45 24.74 -23.21
CA LEU A 50 -21.39 26.02 -22.49
C LEU A 50 -21.86 27.20 -23.35
N SER A 56 -12.74 34.12 -26.07
CA SER A 56 -12.35 33.03 -25.19
C SER A 56 -13.35 31.86 -25.16
N PRO A 57 -13.91 31.50 -26.32
CA PRO A 57 -14.60 30.23 -26.49
C PRO A 57 -13.64 29.04 -26.30
N GLU A 58 -12.36 29.35 -26.51
CA GLU A 58 -11.26 28.41 -26.33
C GLU A 58 -10.98 28.02 -24.88
N ALA A 59 -11.31 28.90 -23.94
CA ALA A 59 -11.06 28.64 -22.51
C ALA A 59 -11.72 27.35 -22.06
N PHE A 60 -12.89 27.09 -22.62
CA PHE A 60 -13.64 25.87 -22.38
C PHE A 60 -12.90 24.60 -22.82
N LEU A 61 -12.12 24.74 -23.89
CA LEU A 61 -11.43 23.61 -24.48
C LEU A 61 -9.98 23.49 -24.07
N GLN A 62 -9.52 24.36 -23.17
CA GLN A 62 -8.17 24.18 -22.65
C GLN A 62 -8.14 22.82 -21.98
N GLU A 63 -9.30 22.37 -21.50
CA GLU A 63 -9.41 21.06 -20.85
C GLU A 63 -9.09 19.86 -21.74
N ALA A 64 -9.61 19.81 -22.96
CA ALA A 64 -9.31 18.67 -23.84
C ALA A 64 -7.97 18.79 -24.57
N GLN A 65 -7.41 19.98 -24.58
CA GLN A 65 -6.06 20.16 -25.10
C GLN A 65 -5.11 19.38 -24.23
N VAL A 66 -5.47 19.31 -22.94
CA VAL A 66 -4.82 18.50 -21.90
C VAL A 66 -5.22 17.02 -21.99
N MET A 67 -6.52 16.78 -22.09
CA MET A 67 -7.04 15.42 -22.19
C MET A 67 -6.60 14.73 -23.46
N LYS A 68 -6.20 15.52 -24.44
CA LYS A 68 -5.72 14.98 -25.68
C LYS A 68 -4.49 14.18 -25.41
N LYS A 69 -3.55 14.79 -24.69
CA LYS A 69 -2.26 14.14 -24.42
C LYS A 69 -2.30 13.01 -23.38
N LEU A 70 -3.37 12.91 -22.58
CA LEU A 70 -3.43 11.87 -21.55
C LEU A 70 -4.44 10.74 -21.81
N ARG A 71 -3.96 9.50 -21.67
CA ARG A 71 -4.82 8.31 -21.64
C ARG A 71 -4.39 7.35 -20.54
N HIS A 72 -5.39 6.91 -19.79
CA HIS A 72 -5.21 5.99 -18.70
C HIS A 72 -6.58 5.41 -18.46
N GLU A 73 -6.64 4.17 -18.01
CA GLU A 73 -7.93 3.48 -17.82
C GLU A 73 -8.70 3.92 -16.58
N LYS A 74 -8.02 4.67 -15.74
CA LYS A 74 -8.57 5.20 -14.48
C LYS A 74 -8.61 6.71 -14.56
N LEU A 75 -8.72 7.19 -15.79
CA LEU A 75 -9.02 8.58 -16.08
C LEU A 75 -10.11 8.52 -17.09
N VAL A 76 -11.17 9.28 -16.88
CA VAL A 76 -12.25 9.29 -17.84
C VAL A 76 -11.56 9.63 -19.13
N GLN A 77 -12.00 9.01 -20.20
CA GLN A 77 -11.39 9.19 -21.51
C GLN A 77 -12.16 10.11 -22.47
N LEU A 78 -11.43 10.94 -23.19
CA LEU A 78 -12.00 11.75 -24.25
C LEU A 78 -12.30 10.84 -25.40
N TYR A 79 -13.16 11.27 -26.28
CA TYR A 79 -13.46 10.50 -27.47
C TYR A 79 -13.37 11.36 -28.70
N ALA A 80 -13.96 12.54 -28.60
CA ALA A 80 -13.99 13.50 -29.68
C ALA A 80 -14.29 14.87 -29.12
N VAL A 81 -13.99 15.91 -29.87
CA VAL A 81 -14.36 17.24 -29.46
C VAL A 81 -14.73 18.13 -30.66
N VAL A 82 -15.92 18.72 -30.60
CA VAL A 82 -16.42 19.57 -31.68
C VAL A 82 -15.84 20.95 -31.48
N SER A 83 -14.65 21.20 -32.00
CA SER A 83 -13.90 22.43 -31.65
C SER A 83 -14.59 23.75 -31.98
N GLU A 84 -15.66 23.71 -32.76
CA GLU A 84 -16.31 24.93 -33.18
C GLU A 84 -17.62 25.07 -32.47
N GLU A 85 -18.01 26.32 -32.23
CA GLU A 85 -19.26 26.61 -31.58
C GLU A 85 -20.44 26.27 -32.51
N PRO A 86 -21.51 25.76 -31.92
CA PRO A 86 -21.53 25.49 -30.48
C PRO A 86 -20.60 24.32 -30.07
N ILE A 87 -19.54 24.67 -29.35
CA ILE A 87 -18.40 23.78 -29.02
C ILE A 87 -18.79 22.65 -28.11
N TYR A 88 -18.20 21.47 -28.28
CA TYR A 88 -18.45 20.36 -27.35
C TYR A 88 -17.29 19.44 -27.19
N ILE A 89 -17.29 18.77 -26.03
CA ILE A 89 -16.31 17.74 -25.67
C ILE A 89 -17.01 16.42 -25.43
N VAL A 90 -16.64 15.42 -26.19
CA VAL A 90 -17.26 14.13 -26.13
C VAL A 90 -16.30 13.23 -25.39
N MET A 91 -16.78 12.41 -24.45
CA MET A 91 -15.91 11.50 -23.69
C MET A 91 -16.67 10.29 -23.21
N GLU A 92 -16.01 9.43 -22.45
CA GLU A 92 -16.64 8.18 -22.00
C GLU A 92 -17.62 8.30 -20.84
N TYR A 93 -18.84 7.93 -21.12
CA TYR A 93 -19.89 7.96 -20.13
C TYR A 93 -19.65 7.04 -18.94
N MET A 94 -19.95 7.55 -17.76
CA MET A 94 -19.85 6.82 -16.49
C MET A 94 -21.24 6.83 -15.86
N SER A 95 -21.79 5.64 -15.68
CA SER A 95 -23.21 5.46 -15.32
C SER A 95 -23.67 5.97 -14.00
N LYS A 96 -22.76 6.15 -13.06
CA LYS A 96 -23.21 6.37 -11.69
C LYS A 96 -22.88 7.73 -11.13
N GLY A 97 -22.98 8.73 -12.00
CA GLY A 97 -22.85 10.13 -11.59
C GLY A 97 -21.50 10.46 -11.03
N CYS A 98 -21.50 11.20 -9.93
CA CYS A 98 -20.23 11.57 -9.36
C CYS A 98 -20.12 11.03 -7.94
N LEU A 99 -18.87 10.79 -7.53
CA LEU A 99 -18.59 10.09 -6.29
C LEU A 99 -19.15 10.76 -5.03
N LEU A 100 -19.47 12.03 -5.12
CA LEU A 100 -20.01 12.76 -3.99
C LEU A 100 -21.42 12.29 -3.71
N ASP A 101 -22.26 12.45 -4.72
CA ASP A 101 -23.64 12.02 -4.66
C ASP A 101 -23.69 10.56 -4.34
N PHE A 102 -22.71 9.84 -4.84
CA PHE A 102 -22.68 8.42 -4.65
C PHE A 102 -22.43 8.02 -3.21
N LEU A 103 -21.54 8.73 -2.52
CA LEU A 103 -21.24 8.42 -1.13
C LEU A 103 -22.33 8.95 -0.16
N LYS A 104 -22.79 10.18 -0.38
CA LYS A 104 -23.90 10.78 0.37
C LYS A 104 -25.18 10.02 0.21
N GLY A 105 -25.40 9.55 -1.01
CA GLY A 105 -26.65 8.91 -1.45
C GLY A 105 -26.87 7.45 -1.11
N GLU A 106 -27.93 6.90 -1.68
CA GLU A 106 -28.49 5.56 -1.36
C GLU A 106 -27.56 4.35 -1.43
N MET A 107 -26.73 4.24 -2.46
CA MET A 107 -25.83 3.08 -2.58
C MET A 107 -24.67 3.23 -1.59
N GLY A 108 -24.49 4.44 -1.08
CA GLY A 108 -23.42 4.71 -0.16
C GLY A 108 -23.59 4.13 1.23
N LYS A 109 -24.80 3.65 1.51
CA LYS A 109 -25.13 3.14 2.84
C LYS A 109 -24.36 1.91 3.19
N TYR A 110 -24.09 1.09 2.19
CA TYR A 110 -23.48 -0.21 2.41
C TYR A 110 -22.04 -0.29 2.02
N LEU A 111 -21.40 0.86 1.85
CA LEU A 111 -20.00 0.86 1.51
C LEU A 111 -19.24 0.84 2.82
N ARG A 112 -18.40 -0.17 2.98
CA ARG A 112 -17.61 -0.31 4.19
C ARG A 112 -16.20 -0.02 3.76
N LEU A 113 -15.24 -0.22 4.64
CA LEU A 113 -13.91 0.20 4.33
C LEU A 113 -13.35 -0.41 3.07
N PRO A 114 -13.46 -1.75 2.91
CA PRO A 114 -12.94 -2.42 1.74
C PRO A 114 -13.23 -1.76 0.40
N GLN A 115 -14.47 -1.34 0.21
CA GLN A 115 -14.93 -0.72 -1.04
C GLN A 115 -14.32 0.65 -1.14
N LEU A 116 -14.39 1.33 0.00
CA LEU A 116 -13.95 2.69 0.13
C LEU A 116 -12.48 2.80 -0.04
N VAL A 117 -11.75 1.81 0.40
CA VAL A 117 -10.31 1.87 0.23
C VAL A 117 -9.96 1.55 -1.21
N ASP A 118 -10.76 0.65 -1.78
CA ASP A 118 -10.60 0.18 -3.16
C ASP A 118 -10.67 1.29 -4.17
N MET A 119 -11.70 2.09 -3.99
CA MET A 119 -12.01 3.21 -4.87
C MET A 119 -10.88 4.15 -4.78
N ALA A 120 -10.41 4.30 -3.57
CA ALA A 120 -9.35 5.23 -3.34
C ALA A 120 -8.22 4.88 -4.29
N ALA A 121 -7.78 3.63 -4.22
CA ALA A 121 -6.62 3.21 -4.98
C ALA A 121 -6.79 3.43 -6.48
N GLN A 122 -7.98 3.22 -6.97
CA GLN A 122 -8.15 3.36 -8.40
C GLN A 122 -7.76 4.75 -8.67
N ILE A 123 -8.22 5.68 -7.84
CA ILE A 123 -7.94 7.09 -8.13
C ILE A 123 -6.52 7.44 -7.84
N ALA A 124 -5.90 6.80 -6.86
CA ALA A 124 -4.48 7.04 -6.65
C ALA A 124 -3.81 6.64 -7.94
N SER A 125 -4.22 5.49 -8.43
CA SER A 125 -3.64 4.89 -9.61
C SER A 125 -3.71 5.74 -10.86
N GLY A 126 -4.84 6.36 -11.10
CA GLY A 126 -4.96 7.25 -12.23
C GLY A 126 -4.03 8.40 -11.94
N MET A 127 -4.06 8.86 -10.69
CA MET A 127 -3.21 9.98 -10.26
C MET A 127 -1.69 9.67 -10.22
N ALA A 128 -1.34 8.39 -10.16
CA ALA A 128 0.04 7.96 -10.29
C ALA A 128 0.53 8.27 -11.67
N TYR A 129 -0.38 8.05 -12.62
CA TYR A 129 -0.14 8.29 -14.03
C TYR A 129 0.07 9.76 -14.30
N VAL A 130 -0.76 10.54 -13.64
CA VAL A 130 -0.70 11.97 -13.78
C VAL A 130 0.67 12.39 -13.29
N GLU A 131 1.20 11.64 -12.33
CA GLU A 131 2.54 11.89 -11.81
C GLU A 131 3.59 11.59 -12.85
N ARG A 132 3.31 10.57 -13.66
CA ARG A 132 4.19 10.14 -14.74
C ARG A 132 4.36 11.24 -15.77
N MET A 133 3.27 11.88 -16.15
CA MET A 133 3.29 12.80 -17.28
C MET A 133 3.61 14.23 -16.90
N ASN A 134 3.99 14.45 -15.65
CA ASN A 134 4.34 15.79 -15.17
C ASN A 134 3.16 16.73 -15.22
N TYR A 135 1.99 16.14 -15.04
CA TYR A 135 0.74 16.87 -15.07
C TYR A 135 0.20 17.05 -13.67
N VAL A 136 -0.55 18.13 -13.51
CA VAL A 136 -1.08 18.50 -12.24
C VAL A 136 -2.56 18.71 -12.36
N HIS A 137 -3.28 18.21 -11.38
CA HIS A 137 -4.68 18.47 -11.29
C HIS A 137 -4.84 19.36 -10.10
N ARG A 138 -5.52 20.48 -10.27
CA ARG A 138 -5.65 21.40 -9.15
C ARG A 138 -7.02 21.30 -8.49
N ASP A 139 -7.72 20.22 -8.80
CA ASP A 139 -9.09 20.05 -8.37
C ASP A 139 -9.37 18.59 -8.13
N LEU A 140 -8.77 18.04 -7.09
CA LEU A 140 -9.03 16.67 -6.73
C LEU A 140 -10.03 16.71 -5.60
N ARG A 141 -11.25 16.27 -5.89
CA ARG A 141 -12.31 16.28 -4.91
C ARG A 141 -13.33 15.33 -5.42
N ALA A 142 -14.08 14.72 -4.50
CA ALA A 142 -15.00 13.65 -4.89
C ALA A 142 -16.11 14.08 -5.88
N ALA A 143 -16.24 15.38 -6.13
CA ALA A 143 -17.15 15.96 -7.12
C ALA A 143 -16.61 15.77 -8.54
N ASN A 144 -15.29 15.72 -8.62
CA ASN A 144 -14.55 15.56 -9.86
C ASN A 144 -14.14 14.14 -10.17
N ILE A 145 -14.70 13.20 -9.43
CA ILE A 145 -14.53 11.79 -9.69
C ILE A 145 -15.89 11.20 -10.06
N LEU A 146 -15.92 10.43 -11.13
CA LEU A 146 -17.15 9.88 -11.67
C LEU A 146 -17.15 8.35 -11.42
N VAL A 147 -18.27 7.79 -10.96
CA VAL A 147 -18.37 6.33 -10.72
C VAL A 147 -19.05 5.58 -11.85
N GLY A 148 -18.68 4.30 -11.94
CA GLY A 148 -19.22 3.41 -12.94
C GLY A 148 -19.71 2.11 -12.38
N GLU A 149 -20.17 1.26 -13.27
CA GLU A 149 -20.66 -0.02 -12.89
C GLU A 149 -19.45 -0.69 -12.34
N ASN A 150 -19.62 -1.40 -11.23
CA ASN A 150 -18.51 -2.11 -10.60
C ASN A 150 -17.67 -1.31 -9.62
N LEU A 151 -18.13 -0.13 -9.23
CA LEU A 151 -17.39 0.63 -8.23
C LEU A 151 -16.09 1.15 -8.84
N VAL A 152 -16.13 1.33 -10.16
CA VAL A 152 -15.05 1.91 -10.96
C VAL A 152 -15.10 3.41 -10.83
N CYS A 153 -13.98 4.00 -10.44
CA CYS A 153 -13.87 5.45 -10.28
C CYS A 153 -12.72 5.96 -11.14
N LYS A 154 -12.96 7.07 -11.83
CA LYS A 154 -11.98 7.65 -12.74
C LYS A 154 -11.84 9.13 -12.47
N VAL A 155 -10.66 9.69 -12.73
CA VAL A 155 -10.43 11.13 -12.52
C VAL A 155 -11.18 11.85 -13.62
N ALA A 156 -11.45 13.14 -13.42
CA ALA A 156 -12.14 13.96 -14.39
C ALA A 156 -11.84 15.43 -14.16
N ASP A 157 -12.70 16.29 -14.69
CA ASP A 157 -12.53 17.74 -14.59
C ASP A 157 -11.13 18.14 -14.99
N PHE A 158 -10.82 18.00 -16.27
CA PHE A 158 -9.47 18.27 -16.75
C PHE A 158 -9.17 19.74 -17.03
N GLY A 159 -10.08 20.63 -16.60
CA GLY A 159 -9.82 22.06 -16.73
C GLY A 159 -9.02 22.26 -15.48
N LEU A 160 -8.26 23.35 -15.40
CA LEU A 160 -7.45 23.59 -14.21
C LEU A 160 -6.14 22.81 -14.31
N ALA A 161 -6.00 21.97 -15.33
CA ALA A 161 -4.85 21.08 -15.40
C ALA A 161 -3.84 21.54 -16.42
N ARG A 162 -2.58 21.53 -16.03
CA ARG A 162 -1.49 21.96 -16.89
C ARG A 162 -0.24 21.16 -16.60
N LEU A 163 0.69 21.23 -17.53
CA LEU A 163 2.00 20.61 -17.39
C LEU A 163 2.76 21.31 -16.29
N ILE A 164 3.28 20.58 -15.31
CA ILE A 164 4.02 21.24 -14.23
C ILE A 164 5.52 21.25 -14.49
N PHE A 177 -11.34 28.20 -6.19
CA PHE A 177 -10.18 27.59 -5.55
C PHE A 177 -10.46 27.40 -4.06
N PRO A 178 -11.28 26.38 -3.72
CA PRO A 178 -11.71 26.04 -2.35
C PRO A 178 -10.60 25.45 -1.51
N ILE A 179 -10.38 26.03 -0.34
CA ILE A 179 -9.20 25.71 0.47
C ILE A 179 -9.38 24.49 1.38
N LYS A 180 -10.60 24.01 1.48
CA LYS A 180 -10.83 22.80 2.20
C LYS A 180 -10.10 21.72 1.47
N TRP A 181 -10.20 21.73 0.14
CA TRP A 181 -9.62 20.69 -0.72
C TRP A 181 -8.22 20.97 -1.24
N THR A 182 -7.79 22.22 -1.06
CA THR A 182 -6.54 22.75 -1.59
C THR A 182 -5.45 22.91 -0.56
N ALA A 183 -4.22 22.84 -1.02
CA ALA A 183 -3.07 22.97 -0.18
C ALA A 183 -2.77 24.41 0.08
N PRO A 184 -2.08 24.66 1.20
CA PRO A 184 -1.77 26.05 1.55
C PRO A 184 -0.82 26.75 0.58
N GLU A 185 0.33 26.17 0.29
CA GLU A 185 1.30 26.89 -0.55
C GLU A 185 0.61 27.43 -1.79
N ALA A 186 -0.24 26.59 -2.38
CA ALA A 186 -0.97 26.90 -3.61
C ALA A 186 -2.05 27.93 -3.39
N ALA A 187 -2.86 27.73 -2.37
CA ALA A 187 -3.98 28.60 -2.12
C ALA A 187 -3.46 29.98 -1.86
N LEU A 188 -2.42 30.05 -1.04
CA LEU A 188 -1.84 31.33 -0.70
C LEU A 188 -0.95 31.95 -1.76
N TYR A 189 0.04 31.18 -2.21
CA TYR A 189 1.10 31.66 -3.12
C TYR A 189 0.98 31.19 -4.54
N GLY A 190 -0.07 30.43 -4.84
CA GLY A 190 -0.28 29.92 -6.17
C GLY A 190 0.64 28.77 -6.56
N ARG A 191 1.44 28.29 -5.61
CA ARG A 191 2.35 27.19 -5.92
C ARG A 191 1.61 25.86 -5.94
N PHE A 192 1.33 25.39 -7.15
CA PHE A 192 0.60 24.14 -7.34
C PHE A 192 1.46 23.04 -7.91
N THR A 193 1.85 22.12 -7.06
CA THR A 193 2.65 20.98 -7.46
C THR A 193 1.68 19.84 -7.75
N ILE A 194 2.26 18.66 -7.96
CA ILE A 194 1.53 17.39 -7.82
C ILE A 194 1.36 17.08 -6.33
N LYS A 195 2.30 17.65 -5.59
CA LYS A 195 2.38 17.58 -4.16
C LYS A 195 1.19 18.27 -3.53
N SER A 196 0.69 19.29 -4.21
CA SER A 196 -0.55 19.96 -3.81
C SER A 196 -1.83 19.20 -4.21
N ASP A 197 -1.71 18.32 -5.19
CA ASP A 197 -2.76 17.40 -5.56
C ASP A 197 -2.88 16.35 -4.48
N VAL A 198 -1.71 16.02 -3.98
CA VAL A 198 -1.53 15.07 -2.92
C VAL A 198 -2.26 15.55 -1.67
N TRP A 199 -2.25 16.85 -1.42
CA TRP A 199 -2.95 17.36 -0.25
C TRP A 199 -4.41 16.97 -0.39
N SER A 200 -4.94 17.27 -1.56
CA SER A 200 -6.34 17.08 -1.86
C SER A 200 -6.77 15.63 -1.72
N PHE A 201 -5.82 14.74 -1.99
CA PHE A 201 -6.08 13.33 -1.83
C PHE A 201 -6.36 12.95 -0.40
N GLY A 202 -5.57 13.44 0.53
CA GLY A 202 -5.90 13.20 1.93
C GLY A 202 -7.30 13.70 2.25
N ILE A 203 -7.63 14.92 1.85
CA ILE A 203 -8.91 15.52 2.18
C ILE A 203 -10.03 14.69 1.64
N LEU A 204 -9.81 14.18 0.44
CA LEU A 204 -10.75 13.32 -0.24
C LEU A 204 -10.90 11.97 0.49
N LEU A 205 -9.83 11.50 1.12
CA LEU A 205 -9.91 10.23 1.81
C LEU A 205 -10.98 10.34 2.89
N THR A 206 -11.09 11.50 3.51
CA THR A 206 -11.96 11.64 4.64
C THR A 206 -13.40 11.46 4.21
N GLU A 207 -13.84 12.09 3.12
CA GLU A 207 -15.23 11.95 2.58
C GLU A 207 -15.52 10.55 2.21
N LEU A 208 -14.49 9.91 1.68
CA LEU A 208 -14.61 8.54 1.25
C LEU A 208 -15.00 7.74 2.40
N THR A 209 -14.50 8.21 3.53
CA THR A 209 -14.74 7.65 4.86
C THR A 209 -15.70 8.46 5.72
N THR A 210 -16.30 9.44 5.15
CA THR A 210 -17.23 10.30 5.86
C THR A 210 -18.60 10.19 5.22
N LYS A 211 -18.69 9.43 4.11
CA LYS A 211 -19.94 9.29 3.41
C LYS A 211 -20.22 10.64 2.80
N GLY A 212 -19.20 11.35 2.37
CA GLY A 212 -19.41 12.57 1.58
C GLY A 212 -19.41 13.91 2.27
N ARG A 213 -19.00 13.95 3.51
CA ARG A 213 -19.11 15.18 4.25
C ARG A 213 -18.17 16.28 3.81
N VAL A 214 -18.60 17.52 4.05
CA VAL A 214 -17.77 18.65 3.71
C VAL A 214 -16.70 18.61 4.78
N PRO A 215 -15.44 18.79 4.39
CA PRO A 215 -14.36 18.75 5.36
C PRO A 215 -14.40 19.92 6.30
N TYR A 216 -13.72 19.79 7.44
CA TYR A 216 -13.63 20.89 8.39
C TYR A 216 -15.03 21.29 8.78
N PRO A 217 -15.73 20.37 9.46
CA PRO A 217 -17.12 20.69 9.71
C PRO A 217 -17.26 21.94 10.58
N GLY A 218 -18.05 22.89 10.09
CA GLY A 218 -18.35 24.10 10.81
C GLY A 218 -17.20 25.08 10.81
N MET A 219 -16.27 24.90 9.89
CA MET A 219 -15.19 25.82 9.74
C MET A 219 -15.45 26.47 8.42
N VAL A 220 -15.33 27.78 8.44
CA VAL A 220 -15.63 28.60 7.30
C VAL A 220 -14.29 28.85 6.62
N ASN A 221 -14.34 29.40 5.42
CA ASN A 221 -13.11 29.55 4.63
C ASN A 221 -12.09 30.54 5.16
N ARG A 222 -12.42 31.26 6.22
CA ARG A 222 -11.42 32.08 6.88
C ARG A 222 -10.81 31.28 8.03
N GLU A 223 -11.66 30.60 8.77
CA GLU A 223 -11.26 29.80 9.93
C GLU A 223 -10.28 28.75 9.48
N VAL A 224 -10.61 28.13 8.35
CA VAL A 224 -9.81 27.05 7.79
C VAL A 224 -8.39 27.51 7.50
N LEU A 225 -8.18 28.73 6.99
CA LEU A 225 -6.86 29.19 6.54
C LEU A 225 -5.72 29.29 7.53
N ASP A 226 -5.89 30.02 8.64
CA ASP A 226 -4.79 30.07 9.62
C ASP A 226 -4.89 28.94 10.64
N GLN A 227 -6.02 28.27 10.67
CA GLN A 227 -6.16 27.06 11.45
C GLN A 227 -5.21 26.02 10.92
N VAL A 228 -5.27 25.94 9.61
CA VAL A 228 -4.56 24.94 8.84
C VAL A 228 -3.08 25.28 8.82
N GLU A 229 -2.83 26.59 8.88
CA GLU A 229 -1.50 27.13 9.06
C GLU A 229 -1.04 26.94 10.49
N ARG A 230 -2.00 27.06 11.39
CA ARG A 230 -1.79 26.88 12.82
C ARG A 230 -1.16 25.54 13.07
N GLY A 231 -1.23 24.65 12.10
CA GLY A 231 -0.64 23.31 12.19
C GLY A 231 -1.68 22.23 12.21
N TYR A 232 -2.94 22.65 12.29
CA TYR A 232 -4.13 21.80 12.53
C TYR A 232 -4.67 20.94 11.37
N ARG A 233 -4.72 19.64 11.63
CA ARG A 233 -5.27 18.64 10.71
C ARG A 233 -6.53 18.03 11.27
N MET A 234 -7.35 17.53 10.36
CA MET A 234 -8.52 16.81 10.75
C MET A 234 -8.17 15.60 11.56
N PRO A 235 -9.12 15.23 12.40
CA PRO A 235 -9.01 14.13 13.28
C PRO A 235 -9.49 12.92 12.58
N CYS A 236 -9.29 11.83 13.26
CA CYS A 236 -9.64 10.55 12.77
C CYS A 236 -11.13 10.50 12.57
N PRO A 237 -11.60 10.34 11.31
CA PRO A 237 -13.00 10.11 11.12
C PRO A 237 -13.48 8.92 11.94
N PRO A 238 -14.69 9.03 12.47
CA PRO A 238 -15.25 7.94 13.21
C PRO A 238 -15.12 6.64 12.46
N GLU A 239 -14.71 5.62 13.18
CA GLU A 239 -14.61 4.26 12.69
C GLU A 239 -13.44 4.05 11.74
N CYS A 240 -12.69 5.11 11.46
CA CYS A 240 -11.53 4.98 10.60
C CYS A 240 -10.45 4.19 11.34
N PRO A 241 -9.50 3.64 10.59
CA PRO A 241 -8.36 3.06 11.22
C PRO A 241 -7.27 4.10 11.24
N GLU A 242 -6.60 4.23 12.37
CA GLU A 242 -5.52 5.18 12.44
C GLU A 242 -4.58 4.89 11.29
N SER A 243 -4.64 3.67 10.76
CA SER A 243 -3.75 3.31 9.68
C SER A 243 -3.93 4.33 8.59
N LEU A 244 -5.17 4.51 8.15
CA LEU A 244 -5.48 5.42 7.03
C LEU A 244 -5.30 6.91 7.37
N HIS A 245 -5.41 7.23 8.65
CA HIS A 245 -5.26 8.57 9.21
C HIS A 245 -3.81 9.04 9.25
N ASP A 246 -2.86 8.19 9.62
CA ASP A 246 -1.48 8.62 9.53
C ASP A 246 -1.19 8.85 8.06
N LEU A 247 -1.88 8.11 7.19
CA LEU A 247 -1.69 8.28 5.76
C LEU A 247 -2.17 9.64 5.24
N MET A 248 -3.40 9.98 5.59
CA MET A 248 -3.94 11.26 5.20
C MET A 248 -3.01 12.31 5.75
N CYS A 249 -2.61 12.09 7.01
CA CYS A 249 -1.77 13.01 7.74
C CYS A 249 -0.47 13.24 7.02
N GLN A 250 0.08 12.15 6.52
CA GLN A 250 1.26 12.24 5.67
C GLN A 250 0.93 13.08 4.47
N CYS A 251 -0.32 13.02 4.07
CA CYS A 251 -0.81 13.80 2.93
C CYS A 251 -0.78 15.31 3.14
N TRP A 252 -0.88 15.70 4.40
CA TRP A 252 -1.05 17.11 4.78
C TRP A 252 0.15 17.78 5.35
N ARG A 253 1.26 17.07 5.33
CA ARG A 253 2.51 17.59 5.80
C ARG A 253 2.65 18.98 5.29
N LYS A 254 3.28 19.83 6.09
CA LYS A 254 3.41 21.24 5.70
C LYS A 254 4.42 21.50 4.60
N ASP A 255 5.54 20.80 4.63
CA ASP A 255 6.50 20.89 3.57
C ASP A 255 5.97 20.03 2.41
N PRO A 256 5.61 20.67 1.29
CA PRO A 256 5.05 19.96 0.17
C PRO A 256 5.86 18.79 -0.27
N GLU A 257 7.18 18.82 -0.06
CA GLU A 257 8.05 17.78 -0.62
C GLU A 257 8.30 16.57 0.26
N GLU A 258 7.80 16.58 1.48
CA GLU A 258 7.93 15.39 2.31
C GLU A 258 6.66 14.54 2.22
N ARG A 259 5.63 15.12 1.61
CA ARG A 259 4.39 14.42 1.31
C ARG A 259 4.70 13.28 0.37
N PRO A 260 4.01 12.14 0.55
CA PRO A 260 4.14 10.99 -0.30
C PRO A 260 3.78 11.20 -1.76
N THR A 261 3.81 10.13 -2.53
CA THR A 261 3.40 10.22 -3.91
C THR A 261 2.40 9.14 -4.24
N PHE A 262 1.90 9.22 -5.46
CA PHE A 262 0.84 8.35 -5.92
C PHE A 262 1.27 6.94 -6.27
N GLU A 263 2.54 6.77 -6.58
CA GLU A 263 3.13 5.45 -6.62
C GLU A 263 3.04 4.88 -5.21
N TYR A 264 3.55 5.62 -4.23
CA TYR A 264 3.51 5.14 -2.84
C TYR A 264 2.07 4.90 -2.33
N LEU A 265 1.21 5.86 -2.59
CA LEU A 265 -0.15 5.83 -2.08
C LEU A 265 -0.87 4.69 -2.71
N GLN A 266 -0.74 4.63 -4.03
CA GLN A 266 -1.43 3.63 -4.79
C GLN A 266 -1.07 2.23 -4.28
N ALA A 267 0.23 2.03 -4.06
CA ALA A 267 0.76 0.75 -3.63
C ALA A 267 0.36 0.46 -2.21
N PHE A 268 0.34 1.49 -1.40
CA PHE A 268 -0.01 1.35 0.00
C PHE A 268 -1.48 1.01 0.13
N LEU A 269 -2.25 1.68 -0.71
CA LEU A 269 -3.70 1.52 -0.75
C LEU A 269 -4.15 0.16 -1.24
N GLU A 270 -3.43 -0.39 -2.20
CA GLU A 270 -3.80 -1.67 -2.77
C GLU A 270 -3.52 -2.85 -1.87
N ASP A 271 -2.40 -2.78 -1.19
CA ASP A 271 -1.93 -3.87 -0.37
C ASP A 271 -2.44 -3.76 1.04
N TYR A 272 -3.31 -2.78 1.26
CA TYR A 272 -3.68 -2.32 2.61
C TYR A 272 -4.26 -3.36 3.59
N PHE A 273 -5.13 -4.23 3.14
CA PHE A 273 -5.74 -5.19 4.07
C PHE A 273 -4.99 -6.52 4.16
N THR A 274 -3.77 -6.54 3.63
CA THR A 274 -2.85 -7.65 3.83
C THR A 274 -1.59 -7.16 4.54
N SER A 275 -1.10 -5.97 4.19
CA SER A 275 0.16 -5.50 4.77
C SER A 275 0.04 -4.39 5.79
N THR A 276 -1.15 -3.80 5.82
CA THR A 276 -1.42 -2.63 6.62
C THR A 276 -2.36 -2.96 7.79
N GLU A 277 -3.62 -3.26 7.48
CA GLU A 277 -4.61 -3.65 8.49
C GLU A 277 -5.26 -4.99 8.09
N PRO A 278 -4.48 -6.07 8.13
CA PRO A 278 -4.67 -7.52 7.79
C PRO A 278 -5.41 -8.50 8.79
N GLN A 279 -5.82 -7.81 9.91
CA GLN A 279 -6.64 -8.08 11.13
CA GLN A 279 -6.77 -7.84 11.03
C GLN A 279 -8.09 -7.20 11.04
N TYR A 280 -8.29 -6.26 10.08
CA TYR A 280 -9.50 -5.39 10.14
C TYR A 280 -10.75 -6.25 10.24
N GLN A 281 -11.67 -5.87 11.13
CA GLN A 281 -12.93 -6.60 11.24
C GLN A 281 -14.09 -5.66 10.88
N PRO A 282 -15.12 -6.17 10.20
CA PRO A 282 -16.26 -5.34 9.80
C PRO A 282 -16.97 -4.63 10.97
N GLY A 283 -17.47 -3.44 10.72
CA GLY A 283 -18.11 -2.63 11.76
C GLY A 283 -19.43 -2.06 11.28
N GLU A 284 -20.18 -1.44 12.21
CA GLU A 284 -21.49 -0.90 11.85
C GLU A 284 -21.40 0.06 10.67
N ASN A 285 -20.63 1.13 10.80
CA ASN A 285 -20.64 2.15 9.73
C ASN A 285 -19.43 2.09 8.82
N LEU A 286 -18.44 1.28 9.19
CA LEU A 286 -17.30 0.98 8.33
C LEU A 286 -16.92 -0.46 8.62
N ASP B 11 12.86 -19.83 36.75
CA ASP B 11 14.22 -20.38 36.51
C ASP B 11 15.31 -19.40 36.98
N ALA B 12 16.45 -19.44 36.29
CA ALA B 12 17.58 -18.52 36.52
C ALA B 12 17.40 -17.08 36.01
N TRP B 13 16.76 -16.88 34.86
CA TRP B 13 16.61 -15.51 34.31
C TRP B 13 15.26 -14.89 34.66
N GLU B 14 14.68 -15.29 35.78
CA GLU B 14 13.35 -14.82 36.17
C GLU B 14 13.47 -13.56 36.97
N ILE B 15 13.28 -12.43 36.29
CA ILE B 15 13.49 -11.13 36.93
C ILE B 15 12.34 -10.57 37.77
N PRO B 16 12.70 -9.60 38.63
CA PRO B 16 11.79 -8.89 39.49
C PRO B 16 10.82 -8.09 38.66
N ARG B 17 9.54 -8.14 39.00
CA ARG B 17 8.56 -7.41 38.22
C ARG B 17 9.03 -5.98 38.09
N GLU B 18 9.75 -5.51 39.09
CA GLU B 18 10.16 -4.12 39.10
C GLU B 18 11.22 -3.81 38.03
N SER B 19 11.99 -4.81 37.64
CA SER B 19 13.10 -4.61 36.71
C SER B 19 12.70 -4.00 35.37
N LEU B 20 11.54 -4.40 34.85
CA LEU B 20 11.14 -3.94 33.53
C LEU B 20 10.38 -2.63 33.62
N ARG B 21 10.54 -1.83 32.60
CA ARG B 21 9.85 -0.57 32.49
C ARG B 21 9.22 -0.53 31.11
N LEU B 22 7.89 -0.60 31.07
CA LEU B 22 7.17 -0.62 29.81
C LEU B 22 6.98 0.81 29.29
N GLU B 23 7.99 1.34 28.61
CA GLU B 23 7.99 2.76 28.14
C GLU B 23 7.06 3.17 26.97
N VAL B 24 7.00 2.36 25.92
CA VAL B 24 6.31 2.72 24.66
C VAL B 24 5.60 1.49 24.09
N LYS B 25 4.34 1.65 23.67
CA LYS B 25 3.56 0.53 23.15
C LYS B 25 3.77 0.42 21.64
N LEU B 26 4.40 -0.65 21.19
CA LEU B 26 4.63 -0.86 19.76
C LEU B 26 3.41 -1.43 19.04
N GLY B 27 2.79 -2.45 19.64
CA GLY B 27 1.60 -3.07 19.08
C GLY B 27 0.71 -3.67 20.14
N GLN B 28 -0.53 -3.99 19.75
CA GLN B 28 -1.52 -4.55 20.66
C GLN B 28 -1.94 -5.92 20.15
N GLY B 29 -2.67 -5.95 19.04
CA GLY B 29 -3.25 -7.18 18.53
C GLY B 29 -4.17 -7.90 19.51
N CYS B 30 -4.76 -8.99 19.05
CA CYS B 30 -5.63 -9.82 19.89
C CYS B 30 -4.83 -10.55 20.97
N PHE B 31 -3.73 -11.17 20.53
CA PHE B 31 -2.88 -11.95 21.44
C PHE B 31 -2.70 -11.21 22.75
N GLY B 32 -2.07 -10.03 22.69
CA GLY B 32 -1.76 -9.26 23.90
C GLY B 32 -1.20 -7.89 23.60
N GLU B 33 -0.02 -7.57 24.16
CA GLU B 33 0.62 -6.25 23.96
C GLU B 33 2.14 -6.30 23.70
N VAL B 34 2.69 -5.28 23.03
CA VAL B 34 4.15 -5.23 22.80
C VAL B 34 4.79 -3.86 22.95
N TRP B 35 5.92 -3.84 23.69
CA TRP B 35 6.64 -2.60 24.02
C TRP B 35 8.15 -2.64 23.93
N MET B 36 8.66 -1.42 23.92
CA MET B 36 10.06 -1.11 24.19
C MET B 36 10.06 -0.75 25.68
N GLY B 37 11.24 -0.52 26.23
CA GLY B 37 11.34 -0.17 27.62
C GLY B 37 12.75 -0.35 28.09
N THR B 38 12.95 -0.40 29.40
CA THR B 38 14.27 -0.66 29.94
C THR B 38 14.20 -1.89 30.80
N TRP B 39 15.27 -2.66 30.79
CA TRP B 39 15.31 -3.77 31.68
C TRP B 39 16.25 -3.40 32.75
N ASN B 40 15.82 -3.59 33.98
CA ASN B 40 16.64 -3.29 35.15
C ASN B 40 16.82 -1.80 35.37
N GLY B 41 17.24 -1.11 34.33
CA GLY B 41 17.48 0.33 34.38
C GLY B 41 18.56 0.77 33.41
N THR B 42 19.30 -0.21 32.88
CA THR B 42 20.40 0.04 31.96
C THR B 42 20.16 -0.27 30.48
N THR B 43 19.22 -1.15 30.17
CA THR B 43 19.11 -1.66 28.79
C THR B 43 17.74 -1.70 28.19
N ARG B 44 17.72 -1.49 26.88
CA ARG B 44 16.53 -1.67 26.08
C ARG B 44 16.18 -3.13 25.97
N VAL B 45 14.90 -3.40 26.00
CA VAL B 45 14.40 -4.74 25.98
C VAL B 45 13.15 -4.57 25.16
N ALA B 46 12.57 -5.67 24.72
CA ALA B 46 11.35 -5.58 23.98
C ALA B 46 10.43 -6.39 24.83
N ILE B 47 9.26 -5.86 25.17
CA ILE B 47 8.39 -6.62 26.04
C ILE B 47 7.06 -6.94 25.40
N LYS B 48 6.71 -8.20 25.57
CA LYS B 48 5.55 -8.78 25.01
C LYS B 48 4.90 -9.36 26.22
N THR B 49 3.72 -8.88 26.57
CA THR B 49 3.11 -9.30 27.81
C THR B 49 1.74 -9.88 27.59
N LEU B 50 1.48 -10.96 28.29
CA LEU B 50 0.16 -11.60 28.34
C LEU B 50 -0.93 -10.87 27.56
N GLU B 58 -5.40 -20.35 29.52
CA GLU B 58 -4.77 -19.51 28.49
C GLU B 58 -3.68 -20.28 27.79
N ALA B 59 -2.86 -19.59 26.96
CA ALA B 59 -1.82 -20.33 26.18
C ALA B 59 -0.48 -19.70 25.71
N PHE B 60 0.41 -19.40 26.64
CA PHE B 60 1.58 -18.56 26.35
C PHE B 60 2.74 -18.91 27.28
N LEU B 61 3.23 -20.14 27.16
CA LEU B 61 4.28 -20.61 28.06
C LEU B 61 4.66 -22.07 27.78
N GLN B 62 5.87 -22.47 28.16
CA GLN B 62 6.82 -21.58 28.83
C GLN B 62 7.45 -20.60 27.84
N GLU B 63 7.91 -21.11 26.71
CA GLU B 63 8.58 -20.28 25.68
C GLU B 63 9.91 -19.71 26.16
N ALA B 64 10.33 -20.11 27.36
CA ALA B 64 11.61 -19.68 27.90
C ALA B 64 12.61 -20.77 27.54
N GLN B 65 12.12 -22.01 27.47
CA GLN B 65 12.98 -23.14 27.15
C GLN B 65 13.30 -23.12 25.67
N VAL B 66 12.30 -23.40 24.85
CA VAL B 66 12.50 -23.48 23.39
C VAL B 66 13.42 -22.35 22.94
N MET B 67 12.97 -21.11 23.14
CA MET B 67 13.67 -19.92 22.66
C MET B 67 15.11 -19.88 23.20
N LYS B 68 15.23 -19.87 24.53
CA LYS B 68 16.55 -19.89 25.18
C LYS B 68 17.36 -21.12 24.80
N LYS B 69 16.67 -22.24 24.55
CA LYS B 69 17.31 -23.47 24.09
C LYS B 69 17.85 -23.36 22.66
N LEU B 70 17.70 -22.19 22.04
CA LEU B 70 18.19 -21.95 20.70
C LEU B 70 18.70 -20.52 20.59
N ARG B 71 19.98 -20.36 20.89
CA ARG B 71 20.64 -19.08 20.73
C ARG B 71 21.35 -19.09 19.38
N HIS B 72 21.10 -18.06 18.60
CA HIS B 72 21.78 -17.87 17.34
C HIS B 72 21.89 -16.37 17.15
N GLU B 73 22.87 -15.91 16.38
CA GLU B 73 23.04 -14.47 16.18
C GLU B 73 21.94 -13.81 15.33
N LYS B 74 21.26 -14.61 14.51
CA LYS B 74 20.20 -14.14 13.61
C LYS B 74 18.81 -14.47 14.08
N LEU B 75 18.70 -14.83 15.35
CA LEU B 75 17.45 -15.20 15.92
C LEU B 75 17.24 -14.15 16.96
N VAL B 76 16.01 -13.65 17.06
CA VAL B 76 15.68 -12.68 18.08
C VAL B 76 15.72 -13.44 19.40
N GLN B 77 16.66 -13.03 20.23
CA GLN B 77 16.98 -13.71 21.48
C GLN B 77 16.17 -13.26 22.69
N LEU B 78 15.82 -14.22 23.54
CA LEU B 78 15.04 -13.97 24.74
C LEU B 78 15.92 -13.73 25.92
N TYR B 79 15.91 -12.50 26.39
CA TYR B 79 16.71 -12.14 27.55
C TYR B 79 16.16 -12.65 28.85
N ALA B 80 14.93 -12.31 29.12
CA ALA B 80 14.29 -12.62 30.42
C ALA B 80 12.73 -12.84 30.41
N VAL B 81 12.24 -13.34 31.54
CA VAL B 81 10.82 -13.56 31.74
C VAL B 81 10.39 -13.17 33.15
N VAL B 82 9.11 -12.89 33.27
CA VAL B 82 8.42 -12.85 34.53
C VAL B 82 7.49 -14.03 34.34
N SER B 83 7.59 -15.05 35.19
CA SER B 83 6.85 -16.32 35.01
C SER B 83 5.37 -16.25 35.26
N GLU B 84 4.99 -15.39 36.21
CA GLU B 84 3.65 -15.38 36.79
C GLU B 84 2.73 -14.38 36.15
N GLU B 85 1.51 -14.80 35.91
CA GLU B 85 0.45 -13.98 35.34
C GLU B 85 0.14 -12.86 36.32
N PRO B 86 0.18 -11.62 35.87
CA PRO B 86 0.54 -11.29 34.50
C PRO B 86 1.97 -11.70 34.24
N ILE B 87 2.29 -12.14 33.03
CA ILE B 87 3.68 -12.44 32.68
C ILE B 87 4.17 -11.55 31.57
N TYR B 88 5.46 -11.25 31.63
CA TYR B 88 6.12 -10.40 30.68
C TYR B 88 7.24 -11.15 30.01
N ILE B 89 7.22 -11.21 28.69
CA ILE B 89 8.29 -11.84 27.94
C ILE B 89 9.40 -10.82 27.78
N VAL B 90 10.62 -11.29 27.73
CA VAL B 90 11.74 -10.37 27.60
C VAL B 90 12.57 -10.74 26.40
N MET B 91 12.84 -9.76 25.55
CA MET B 91 13.76 -10.01 24.46
C MET B 91 14.42 -8.79 23.86
N GLU B 92 15.38 -9.11 23.01
CA GLU B 92 16.28 -8.18 22.41
C GLU B 92 15.60 -7.19 21.50
N TYR B 93 16.19 -6.00 21.47
CA TYR B 93 15.63 -4.89 20.75
C TYR B 93 16.15 -4.66 19.33
N MET B 94 15.19 -4.71 18.40
CA MET B 94 15.39 -4.40 17.01
C MET B 94 14.69 -3.08 16.80
N SER B 95 15.51 -2.05 16.66
CA SER B 95 15.08 -0.66 16.59
C SER B 95 14.27 -0.19 15.40
N LYS B 96 14.32 -0.91 14.27
CA LYS B 96 13.73 -0.41 13.00
C LYS B 96 12.40 -1.02 12.54
N GLY B 97 11.80 -1.91 13.33
CA GLY B 97 10.47 -2.45 13.03
C GLY B 97 10.52 -3.68 12.19
N CYS B 98 9.35 -4.20 11.83
CA CYS B 98 9.36 -5.39 10.97
C CYS B 98 9.89 -4.94 9.60
N LEU B 99 10.57 -5.85 8.93
CA LEU B 99 11.22 -5.51 7.66
C LEU B 99 10.26 -5.09 6.56
N LEU B 100 9.05 -5.62 6.59
CA LEU B 100 8.05 -5.33 5.59
C LEU B 100 7.88 -3.84 5.61
N ASP B 101 7.58 -3.49 6.85
CA ASP B 101 7.31 -2.19 7.37
C ASP B 101 8.47 -1.37 6.87
N PHE B 102 9.64 -1.93 7.06
CA PHE B 102 10.88 -1.28 6.74
C PHE B 102 11.06 -0.98 5.26
N LEU B 103 10.74 -1.99 4.45
CA LEU B 103 10.97 -2.00 2.99
C LEU B 103 10.10 -1.05 2.21
N LYS B 104 8.80 -1.10 2.49
CA LYS B 104 7.84 -0.24 1.81
C LYS B 104 7.86 1.16 2.40
N GLY B 105 8.84 1.41 3.28
CA GLY B 105 8.95 2.66 4.03
C GLY B 105 9.74 3.72 3.32
N GLU B 106 10.68 4.33 4.04
CA GLU B 106 11.57 5.32 3.44
C GLU B 106 13.03 4.92 3.50
N MET B 107 13.37 4.06 4.45
CA MET B 107 14.75 3.59 4.58
C MET B 107 15.12 2.90 3.32
N GLY B 108 14.15 2.15 2.83
CA GLY B 108 14.30 1.31 1.67
C GLY B 108 14.07 2.01 0.35
N LYS B 109 13.93 3.32 0.37
CA LYS B 109 13.83 4.08 -0.86
C LYS B 109 15.09 3.86 -1.66
N TYR B 110 16.19 3.72 -0.92
CA TYR B 110 17.51 3.60 -1.48
C TYR B 110 18.09 2.24 -1.21
N LEU B 111 17.25 1.29 -0.80
CA LEU B 111 17.72 -0.04 -0.42
C LEU B 111 17.86 -0.79 -1.69
N ARG B 112 18.93 -1.58 -1.79
CA ARG B 112 19.26 -2.23 -3.04
C ARG B 112 19.65 -3.65 -2.94
N LEU B 113 19.86 -4.21 -4.13
CA LEU B 113 20.05 -5.62 -4.27
C LEU B 113 21.18 -6.08 -3.37
N PRO B 114 22.35 -5.44 -3.47
CA PRO B 114 23.46 -5.75 -2.60
C PRO B 114 23.11 -5.69 -1.12
N GLN B 115 22.24 -4.77 -0.75
CA GLN B 115 21.76 -4.73 0.62
C GLN B 115 20.68 -5.76 0.77
N LEU B 116 19.85 -5.80 -0.26
CA LEU B 116 18.66 -6.63 -0.29
C LEU B 116 18.97 -8.09 -0.35
N VAL B 117 20.20 -8.41 -0.69
CA VAL B 117 20.60 -9.79 -0.80
C VAL B 117 21.35 -10.16 0.40
N ASP B 118 22.02 -9.19 0.97
CA ASP B 118 22.72 -9.34 2.21
C ASP B 118 21.66 -9.70 3.22
N MET B 119 20.58 -8.94 3.16
CA MET B 119 19.48 -9.15 4.06
C MET B 119 18.98 -10.54 3.89
N ALA B 120 18.60 -10.89 2.68
CA ALA B 120 18.05 -12.19 2.48
C ALA B 120 19.00 -13.18 3.08
N ALA B 121 20.29 -12.96 2.80
CA ALA B 121 21.31 -13.88 3.18
C ALA B 121 21.27 -14.14 4.66
N GLN B 122 21.08 -13.08 5.43
CA GLN B 122 21.09 -13.17 6.92
C GLN B 122 19.98 -14.01 7.45
N ILE B 123 18.82 -13.85 6.84
CA ILE B 123 17.61 -14.52 7.24
C ILE B 123 17.74 -16.00 7.00
N ALA B 124 18.46 -16.36 5.95
CA ALA B 124 18.67 -17.77 5.66
C ALA B 124 19.53 -18.38 6.76
N SER B 125 20.50 -17.61 7.23
CA SER B 125 21.42 -18.04 8.25
C SER B 125 20.69 -18.41 9.53
N GLY B 126 19.71 -17.60 9.86
CA GLY B 126 18.92 -17.85 11.03
C GLY B 126 18.19 -19.12 10.75
N MET B 127 17.58 -19.15 9.58
CA MET B 127 16.78 -20.29 9.14
C MET B 127 17.62 -21.56 9.07
N ALA B 128 18.89 -21.38 8.78
CA ALA B 128 19.83 -22.46 8.67
C ALA B 128 19.96 -23.16 9.99
N TYR B 129 20.19 -22.34 11.02
CA TYR B 129 20.30 -22.81 12.40
C TYR B 129 19.01 -23.53 12.77
N VAL B 130 17.89 -22.95 12.37
CA VAL B 130 16.57 -23.50 12.65
C VAL B 130 16.51 -24.93 12.08
N GLU B 131 17.07 -25.06 10.89
CA GLU B 131 17.17 -26.32 10.15
C GLU B 131 18.09 -27.30 10.86
N ARG B 132 19.23 -26.75 11.24
CA ARG B 132 20.24 -27.47 11.95
C ARG B 132 19.60 -28.03 13.21
N MET B 133 18.66 -27.29 13.76
CA MET B 133 18.08 -27.69 15.02
C MET B 133 16.71 -28.33 14.86
N ASN B 134 16.42 -28.76 13.64
CA ASN B 134 15.27 -29.60 13.42
C ASN B 134 13.94 -28.87 13.53
N TYR B 135 13.99 -27.56 13.55
CA TYR B 135 12.77 -26.82 13.80
C TYR B 135 12.12 -26.35 12.52
N VAL B 136 10.81 -26.18 12.64
CA VAL B 136 9.97 -25.72 11.57
C VAL B 136 9.52 -24.39 12.05
N HIS B 137 9.30 -23.48 11.14
CA HIS B 137 8.78 -22.19 11.53
C HIS B 137 7.67 -21.97 10.54
N ARG B 138 6.44 -21.77 11.01
CA ARG B 138 5.32 -21.80 10.06
C ARG B 138 4.92 -20.47 9.47
N ASP B 139 5.81 -19.48 9.47
CA ASP B 139 5.40 -18.20 9.01
C ASP B 139 6.60 -17.35 8.59
N LEU B 140 7.34 -17.85 7.60
CA LEU B 140 8.44 -17.05 7.09
C LEU B 140 7.86 -15.98 6.18
N ARG B 141 8.11 -14.73 6.52
CA ARG B 141 7.54 -13.61 5.78
C ARG B 141 8.29 -12.35 6.13
N ALA B 142 8.04 -11.32 5.35
CA ALA B 142 8.76 -10.07 5.51
C ALA B 142 8.35 -9.44 6.80
N ALA B 143 7.09 -9.65 7.15
CA ALA B 143 6.47 -9.17 8.41
C ALA B 143 7.05 -9.73 9.71
N ASN B 144 7.44 -11.00 9.68
CA ASN B 144 7.99 -11.69 10.86
C ASN B 144 9.51 -11.56 10.98
N ILE B 145 10.09 -10.70 10.14
CA ILE B 145 11.48 -10.42 10.25
C ILE B 145 11.60 -9.03 10.86
N LEU B 146 12.45 -8.90 11.88
CA LEU B 146 12.68 -7.63 12.55
C LEU B 146 14.04 -7.06 12.17
N VAL B 147 14.05 -5.81 11.75
CA VAL B 147 15.28 -5.16 11.30
C VAL B 147 15.92 -4.38 12.43
N GLY B 148 17.25 -4.31 12.39
CA GLY B 148 18.02 -3.64 13.41
C GLY B 148 18.72 -2.41 12.87
N GLU B 149 19.97 -2.23 13.29
CA GLU B 149 20.75 -1.08 12.87
C GLU B 149 21.80 -1.64 11.98
N ASN B 150 22.14 -0.87 10.97
CA ASN B 150 23.12 -1.33 10.03
C ASN B 150 22.51 -2.42 9.19
N LEU B 151 21.19 -2.41 9.08
CA LEU B 151 20.52 -3.34 8.22
C LEU B 151 20.58 -4.78 8.68
N VAL B 152 20.74 -4.98 9.98
CA VAL B 152 20.64 -6.32 10.50
C VAL B 152 19.23 -6.72 10.23
N CYS B 153 18.99 -8.02 10.30
CA CYS B 153 17.67 -8.60 10.19
C CYS B 153 17.71 -9.95 10.88
N LYS B 154 16.70 -10.22 11.69
CA LYS B 154 16.66 -11.43 12.49
C LYS B 154 15.27 -12.01 12.46
N VAL B 155 15.14 -13.23 12.95
CA VAL B 155 13.84 -13.91 13.00
C VAL B 155 13.22 -13.81 14.40
N ALA B 156 11.89 -13.84 14.46
CA ALA B 156 11.16 -13.80 15.72
C ALA B 156 11.11 -15.19 16.38
N ASP B 157 10.26 -15.31 17.41
CA ASP B 157 10.14 -16.54 18.19
C ASP B 157 9.40 -17.64 17.44
N PHE B 158 8.61 -17.24 16.44
CA PHE B 158 7.90 -18.19 15.58
C PHE B 158 7.25 -19.32 16.37
N GLY B 159 6.31 -18.97 17.24
CA GLY B 159 5.59 -19.98 18.04
C GLY B 159 4.08 -19.80 18.02
N LEU B 160 3.42 -20.69 18.76
CA LEU B 160 1.96 -20.69 18.92
C LEU B 160 1.19 -20.89 17.62
N PHE B 177 -5.34 -14.90 4.06
CA PHE B 177 -3.95 -15.38 4.02
C PHE B 177 -3.79 -16.47 5.10
N PRO B 178 -2.58 -16.95 5.37
CA PRO B 178 -1.31 -16.48 4.79
C PRO B 178 -0.86 -17.25 3.55
N ILE B 179 -1.81 -17.90 2.91
CA ILE B 179 -1.56 -18.88 1.85
C ILE B 179 -0.71 -18.35 0.69
N LYS B 180 -0.82 -17.07 0.36
CA LYS B 180 0.10 -16.49 -0.60
C LYS B 180 1.51 -16.84 -0.17
N TRP B 181 1.73 -16.89 1.15
CA TRP B 181 3.05 -17.13 1.70
C TRP B 181 3.32 -18.59 2.03
N THR B 182 2.27 -19.39 2.04
CA THR B 182 2.36 -20.76 2.50
C THR B 182 2.19 -21.72 1.34
N ALA B 183 3.02 -22.75 1.46
CA ALA B 183 3.26 -23.79 0.50
C ALA B 183 2.05 -24.62 0.19
N PRO B 184 1.94 -25.12 -1.05
CA PRO B 184 0.72 -25.83 -1.39
C PRO B 184 0.41 -26.99 -0.47
N GLU B 185 1.41 -27.80 -0.15
CA GLU B 185 1.11 -28.99 0.63
C GLU B 185 0.86 -28.69 2.12
N ALA B 186 1.49 -27.64 2.62
CA ALA B 186 1.28 -27.18 4.01
C ALA B 186 -0.11 -26.63 4.11
N ALA B 187 -0.46 -25.85 3.09
CA ALA B 187 -1.74 -25.19 2.99
C ALA B 187 -2.82 -26.17 2.64
N LEU B 188 -2.46 -27.38 2.25
CA LEU B 188 -3.48 -28.35 1.91
C LEU B 188 -3.55 -29.55 2.86
N TYR B 189 -2.48 -30.30 2.97
CA TYR B 189 -2.47 -31.52 3.78
C TYR B 189 -1.80 -31.38 5.16
N GLY B 190 -1.34 -30.17 5.46
CA GLY B 190 -0.73 -29.86 6.74
C GLY B 190 0.70 -30.35 6.79
N ARG B 191 1.25 -30.67 5.62
CA ARG B 191 2.60 -31.19 5.51
C ARG B 191 3.57 -30.02 5.70
N PHE B 192 3.75 -29.67 6.98
CA PHE B 192 4.53 -28.48 7.37
C PHE B 192 5.94 -28.83 7.78
N THR B 193 6.90 -28.21 7.10
CA THR B 193 8.28 -28.49 7.40
C THR B 193 9.22 -27.36 6.98
N ILE B 194 10.47 -27.52 7.37
CA ILE B 194 11.50 -26.62 6.96
C ILE B 194 11.51 -26.40 5.45
N LYS B 195 11.20 -27.46 4.72
CA LYS B 195 11.13 -27.44 3.28
C LYS B 195 9.93 -26.64 2.82
N SER B 196 8.84 -26.72 3.58
CA SER B 196 7.62 -25.91 3.33
C SER B 196 7.90 -24.45 3.63
N ASP B 197 8.86 -24.27 4.52
CA ASP B 197 9.39 -22.98 4.93
C ASP B 197 10.25 -22.34 3.90
N VAL B 198 10.96 -23.18 3.17
CA VAL B 198 11.84 -22.74 2.13
C VAL B 198 10.98 -22.17 1.02
N TRP B 199 9.77 -22.67 0.90
CA TRP B 199 8.88 -22.13 -0.11
C TRP B 199 8.55 -20.67 0.18
N SER B 200 8.16 -20.40 1.42
CA SER B 200 7.71 -19.08 1.81
C SER B 200 8.88 -18.11 1.95
N PHE B 201 10.07 -18.70 2.04
CA PHE B 201 11.30 -17.97 1.93
C PHE B 201 11.46 -17.42 0.51
N GLY B 202 11.08 -18.24 -0.45
CA GLY B 202 11.16 -17.84 -1.84
C GLY B 202 10.29 -16.63 -2.09
N ILE B 203 9.15 -16.57 -1.40
CA ILE B 203 8.21 -15.46 -1.59
C ILE B 203 8.79 -14.17 -0.98
N LEU B 204 9.53 -14.33 0.09
CA LEU B 204 10.19 -13.24 0.72
C LEU B 204 11.23 -12.67 -0.23
N LEU B 205 11.85 -13.54 -1.00
CA LEU B 205 12.86 -13.06 -1.95
C LEU B 205 12.20 -12.06 -2.87
N THR B 206 10.90 -12.31 -3.10
CA THR B 206 9.99 -11.43 -3.86
C THR B 206 9.50 -10.25 -3.07
N GLU B 207 9.28 -10.42 -1.75
CA GLU B 207 8.87 -9.33 -0.84
C GLU B 207 9.99 -8.30 -0.76
N LEU B 208 11.22 -8.80 -0.91
CA LEU B 208 12.45 -7.99 -0.86
C LEU B 208 12.77 -7.21 -2.14
N THR B 209 12.63 -7.93 -3.24
CA THR B 209 12.89 -7.47 -4.58
C THR B 209 11.74 -6.61 -5.03
N THR B 210 10.65 -6.71 -4.26
CA THR B 210 9.40 -5.99 -4.54
C THR B 210 9.21 -4.76 -3.71
N LYS B 211 10.02 -4.59 -2.66
CA LYS B 211 9.84 -3.44 -1.79
C LYS B 211 8.54 -3.62 -1.03
N GLY B 212 8.20 -4.85 -0.70
CA GLY B 212 7.03 -5.12 0.13
C GLY B 212 5.65 -5.34 -0.45
N ARG B 213 5.49 -5.34 -1.77
CA ARG B 213 4.13 -5.50 -2.33
C ARG B 213 3.66 -6.95 -2.18
N VAL B 214 2.34 -7.13 -2.12
CA VAL B 214 1.80 -8.44 -1.85
C VAL B 214 2.19 -9.34 -3.04
N PRO B 215 2.51 -10.61 -2.76
CA PRO B 215 2.67 -11.63 -3.78
C PRO B 215 1.42 -11.90 -4.58
N TYR B 216 1.58 -12.40 -5.79
CA TYR B 216 0.45 -12.74 -6.64
C TYR B 216 -0.41 -11.50 -6.84
N PRO B 217 0.21 -10.45 -7.39
CA PRO B 217 -0.54 -9.23 -7.65
C PRO B 217 -1.66 -9.41 -8.67
N GLY B 218 -2.81 -8.89 -8.29
CA GLY B 218 -4.00 -9.00 -9.08
C GLY B 218 -4.60 -10.38 -8.90
N MET B 219 -4.23 -11.04 -7.81
CA MET B 219 -4.74 -12.38 -7.57
C MET B 219 -5.29 -12.44 -6.18
N VAL B 220 -6.48 -12.96 -6.06
CA VAL B 220 -7.07 -13.08 -4.76
C VAL B 220 -6.53 -14.35 -4.19
N ASN B 221 -6.76 -14.48 -2.89
CA ASN B 221 -6.28 -15.59 -2.09
C ASN B 221 -6.80 -16.92 -2.66
N ARG B 222 -8.03 -16.92 -3.13
CA ARG B 222 -8.62 -18.11 -3.76
C ARG B 222 -7.98 -18.46 -5.11
N GLU B 223 -7.76 -17.45 -5.95
CA GLU B 223 -7.18 -17.67 -7.27
C GLU B 223 -5.88 -18.42 -7.07
N VAL B 224 -5.16 -18.09 -5.99
CA VAL B 224 -3.83 -18.65 -5.69
C VAL B 224 -3.79 -20.16 -5.60
N LEU B 225 -4.73 -20.73 -4.86
CA LEU B 225 -4.71 -22.14 -4.57
C LEU B 225 -4.64 -22.98 -5.81
N ASP B 226 -5.36 -22.54 -6.85
CA ASP B 226 -5.45 -23.34 -8.08
C ASP B 226 -4.46 -22.96 -9.18
N GLN B 227 -3.58 -22.01 -8.95
CA GLN B 227 -2.62 -21.70 -10.01
C GLN B 227 -1.30 -22.29 -9.67
N VAL B 228 -0.92 -22.20 -8.41
CA VAL B 228 0.31 -22.81 -7.98
C VAL B 228 0.23 -24.31 -8.21
N GLU B 229 -0.96 -24.85 -7.97
CA GLU B 229 -1.24 -26.28 -8.14
C GLU B 229 -1.20 -26.69 -9.59
N ARG B 230 -1.62 -25.74 -10.43
CA ARG B 230 -1.53 -25.86 -11.87
C ARG B 230 -0.16 -25.41 -12.37
N GLY B 231 0.74 -25.09 -11.43
CA GLY B 231 2.13 -24.83 -11.75
C GLY B 231 2.50 -23.37 -11.97
N TYR B 232 1.55 -22.46 -11.86
CA TYR B 232 1.84 -21.07 -12.03
C TYR B 232 2.79 -20.58 -10.96
N ARG B 233 3.75 -19.76 -11.37
CA ARG B 233 4.64 -19.14 -10.42
C ARG B 233 4.99 -17.74 -10.84
N MET B 234 5.21 -16.88 -9.85
CA MET B 234 5.46 -15.46 -10.08
C MET B 234 6.61 -15.32 -11.08
N PRO B 235 6.48 -14.33 -11.95
CA PRO B 235 7.46 -14.04 -12.97
C PRO B 235 8.66 -13.39 -12.38
N CYS B 236 9.58 -12.97 -13.24
CA CYS B 236 10.76 -12.31 -12.78
C CYS B 236 10.39 -10.86 -12.56
N PRO B 237 10.51 -10.42 -11.31
CA PRO B 237 10.37 -9.04 -10.89
C PRO B 237 11.18 -8.03 -11.74
N PRO B 238 10.54 -6.94 -12.16
CA PRO B 238 11.27 -5.94 -12.88
C PRO B 238 12.55 -5.54 -12.23
N GLU B 239 13.62 -5.58 -13.00
CA GLU B 239 14.93 -5.18 -12.57
C GLU B 239 15.61 -6.24 -11.72
N CYS B 240 14.94 -7.37 -11.55
CA CYS B 240 15.46 -8.43 -10.72
C CYS B 240 16.16 -9.48 -11.57
N PRO B 241 17.40 -9.85 -11.21
CA PRO B 241 18.13 -10.83 -11.97
C PRO B 241 17.67 -12.27 -11.67
N GLU B 242 17.20 -12.86 -12.79
CA GLU B 242 16.82 -14.31 -13.15
CA GLU B 242 16.71 -14.28 -12.89
C GLU B 242 17.61 -15.41 -12.46
N SER B 243 18.86 -15.05 -12.22
CA SER B 243 19.73 -15.80 -11.39
C SER B 243 19.08 -15.82 -10.04
N LEU B 244 18.47 -14.71 -9.65
CA LEU B 244 17.75 -14.69 -8.39
C LEU B 244 16.39 -15.34 -8.54
N HIS B 245 15.66 -14.95 -9.57
CA HIS B 245 14.37 -15.57 -9.84
C HIS B 245 14.48 -17.09 -10.10
N ASP B 246 15.66 -17.51 -10.55
CA ASP B 246 15.94 -18.89 -10.77
C ASP B 246 16.08 -19.51 -9.41
N LEU B 247 16.70 -18.76 -8.49
CA LEU B 247 16.83 -19.21 -7.13
C LEU B 247 15.45 -19.45 -6.62
N MET B 248 14.63 -18.42 -6.74
CA MET B 248 13.30 -18.48 -6.21
C MET B 248 12.64 -19.71 -6.74
N CYS B 249 12.59 -19.87 -8.06
CA CYS B 249 11.79 -20.95 -8.68
C CYS B 249 12.10 -22.30 -8.07
N GLN B 250 13.31 -22.46 -7.54
CA GLN B 250 13.69 -23.68 -6.86
C GLN B 250 12.96 -23.82 -5.54
N CYS B 251 12.87 -22.73 -4.80
CA CYS B 251 12.21 -22.76 -3.51
C CYS B 251 10.76 -23.08 -3.75
N TRP B 252 10.30 -22.79 -4.96
CA TRP B 252 8.92 -23.05 -5.34
C TRP B 252 8.73 -24.37 -6.05
N ARG B 253 9.70 -25.24 -5.91
CA ARG B 253 9.59 -26.55 -6.45
C ARG B 253 8.33 -27.05 -5.76
N LYS B 254 7.47 -27.62 -6.69
CA LYS B 254 6.20 -28.46 -6.46
CA LYS B 254 6.23 -28.42 -6.48
C LYS B 254 6.36 -29.75 -5.65
N ASP B 255 7.56 -29.97 -5.27
CA ASP B 255 7.90 -31.20 -4.75
C ASP B 255 8.78 -30.88 -3.59
N PRO B 256 8.26 -31.05 -2.38
CA PRO B 256 8.98 -30.49 -1.26
C PRO B 256 10.46 -30.78 -1.12
N GLU B 257 10.94 -31.96 -1.53
CA GLU B 257 12.33 -32.31 -1.17
C GLU B 257 13.38 -31.89 -2.20
N GLU B 258 12.92 -31.47 -3.37
CA GLU B 258 13.78 -30.89 -4.40
C GLU B 258 14.20 -29.46 -4.03
N ARG B 259 13.34 -28.78 -3.28
CA ARG B 259 13.64 -27.46 -2.77
C ARG B 259 14.91 -27.51 -1.95
N PRO B 260 15.72 -26.47 -2.08
CA PRO B 260 17.01 -26.38 -1.42
C PRO B 260 16.96 -26.23 0.10
N THR B 261 18.14 -26.28 0.68
CA THR B 261 18.30 -26.14 2.10
C THR B 261 18.82 -24.75 2.44
N PHE B 262 18.81 -24.46 3.73
CA PHE B 262 19.32 -23.20 4.22
C PHE B 262 20.82 -23.21 4.36
N GLU B 263 21.46 -24.39 4.35
CA GLU B 263 22.91 -24.41 4.20
C GLU B 263 23.18 -23.77 2.86
N TYR B 264 22.43 -24.28 1.88
CA TYR B 264 22.59 -23.90 0.51
C TYR B 264 22.21 -22.46 0.19
N LEU B 265 21.00 -22.09 0.59
CA LEU B 265 20.49 -20.77 0.26
C LEU B 265 21.38 -19.69 0.84
N GLN B 266 21.75 -19.89 2.08
CA GLN B 266 22.59 -18.95 2.77
C GLN B 266 23.87 -18.79 2.00
N ALA B 267 24.51 -19.91 1.71
CA ALA B 267 25.76 -19.88 0.98
C ALA B 267 25.59 -19.23 -0.39
N PHE B 268 24.43 -19.44 -0.98
CA PHE B 268 24.17 -18.97 -2.34
C PHE B 268 24.20 -17.45 -2.47
N LEU B 269 23.61 -16.77 -1.49
CA LEU B 269 23.54 -15.30 -1.53
C LEU B 269 24.75 -14.62 -0.89
N GLU B 270 25.42 -15.34 0.00
CA GLU B 270 26.63 -14.82 0.59
C GLU B 270 27.62 -14.57 -0.51
N ASP B 271 27.74 -15.53 -1.41
CA ASP B 271 28.71 -15.42 -2.47
C ASP B 271 28.07 -14.92 -3.73
N TYR B 272 26.92 -14.30 -3.58
CA TYR B 272 26.13 -13.95 -4.73
C TYR B 272 26.82 -13.09 -5.75
N PHE B 273 27.39 -11.96 -5.32
CA PHE B 273 27.94 -10.99 -6.29
C PHE B 273 29.30 -11.34 -6.90
N THR B 274 29.92 -12.38 -6.36
CA THR B 274 31.20 -12.88 -6.84
C THR B 274 30.95 -14.16 -7.61
N SER B 275 30.46 -15.17 -6.91
CA SER B 275 30.24 -16.46 -7.51
C SER B 275 29.17 -16.44 -8.58
N THR B 276 28.10 -15.66 -8.38
CA THR B 276 26.92 -15.71 -9.28
C THR B 276 26.70 -14.53 -10.24
N GLU B 277 26.81 -13.29 -9.77
CA GLU B 277 26.58 -12.13 -10.65
C GLU B 277 27.68 -11.10 -10.51
N PRO B 278 28.84 -11.41 -11.09
CA PRO B 278 30.08 -10.64 -11.03
C PRO B 278 30.01 -9.29 -11.72
N GLN B 279 29.26 -9.26 -12.80
CA GLN B 279 29.25 -8.11 -13.66
C GLN B 279 28.07 -7.22 -13.34
N TYR B 280 27.57 -7.39 -12.13
CA TYR B 280 26.45 -6.62 -11.66
C TYR B 280 26.74 -5.13 -11.74
N GLN B 281 25.77 -4.38 -12.29
CA GLN B 281 25.81 -2.92 -12.33
C GLN B 281 24.42 -2.43 -11.94
N PRO B 282 24.33 -1.38 -11.10
CA PRO B 282 22.99 -0.93 -10.65
C PRO B 282 22.07 -0.17 -11.64
N GLY B 283 20.79 -0.14 -11.28
CA GLY B 283 19.74 0.49 -12.07
C GLY B 283 19.17 1.70 -11.35
N GLU B 284 17.86 1.92 -11.51
CA GLU B 284 17.19 3.04 -10.88
C GLU B 284 16.47 2.62 -9.60
N ASN B 285 16.18 1.33 -9.48
CA ASN B 285 15.45 0.79 -8.32
C ASN B 285 16.16 -0.39 -7.69
N LEU B 286 16.37 -1.45 -8.47
CA LEU B 286 17.12 -2.62 -8.02
C LEU B 286 18.49 -2.72 -8.72
CAH G97 C . -21.01 15.23 -14.46
CAE G97 C . -20.59 16.56 -14.37
CAD G97 C . -21.52 17.61 -14.27
CAF G97 C . -22.86 17.30 -14.24
CAI G97 C . -23.30 15.98 -14.32
CAW G97 C . -22.37 14.95 -14.44
C2 G97 C . -22.85 13.55 -14.53
N1 G97 C . -22.23 12.63 -15.29
N3 G97 C . -23.95 13.23 -13.83
C4 G97 C . -24.45 12.00 -13.87
CAM G97 C . -25.57 11.77 -13.11
CAU G97 C . -26.16 10.53 -13.10
NAQ G97 C . -27.22 10.52 -12.25
CAT G97 C . -27.83 9.46 -11.73
OAB G97 C . -27.61 8.30 -12.07
CAC G97 C . -28.79 9.80 -10.63
CAA G97 C . -29.48 8.89 -9.96
CAK G97 C . -25.60 9.47 -13.84
CAL G97 C . -24.45 9.67 -14.64
C5 G97 C . -23.84 10.93 -14.68
C6 G97 C . -22.62 11.34 -15.44
NAR G97 C . -21.89 10.55 -16.29
CAV G97 C . -20.81 11.09 -16.94
CAJ G97 C . -20.34 12.41 -17.06
CAG G97 C . -19.14 12.37 -17.72
NAS G97 C . -18.90 11.06 -17.97
NAN G97 C . -19.93 10.23 -17.48
CAH G97 D . 6.72 -6.95 17.21
CAE G97 D . 5.58 -7.77 17.24
CAD G97 D . 4.29 -7.22 17.12
CAF G97 D . 4.15 -5.85 16.96
CAI G97 D . 5.28 -5.05 16.93
CAW G97 D . 6.57 -5.59 17.06
C2 G97 D . 7.70 -4.65 17.02
N1 G97 D . 8.95 -4.94 17.48
N3 G97 D . 7.39 -3.45 16.48
C4 G97 D . 8.29 -2.49 16.37
CAM G97 D . 7.88 -1.34 15.81
CAU G97 D . 8.76 -0.28 15.67
NAQ G97 D . 8.19 0.80 15.06
CAT G97 D . 8.78 1.91 14.60
OAB G97 D . 9.98 2.18 14.76
CAC G97 D . 7.86 2.80 13.86
CAA G97 D . 8.26 3.94 13.34
CAK G97 D . 10.10 -0.41 16.09
CAL G97 D . 10.55 -1.61 16.69
C5 G97 D . 9.67 -2.68 16.84
C6 G97 D . 9.98 -4.01 17.43
NAR G97 D . 11.19 -4.32 17.92
CAV G97 D . 11.40 -5.53 18.50
CAJ G97 D . 10.57 -6.62 18.75
CAG G97 D . 11.35 -7.58 19.36
NAS G97 D . 12.57 -7.03 19.47
NAN G97 D . 12.66 -5.75 18.93
#